data_4C41
#
_entry.id   4C41
#
_cell.length_a   42.130
_cell.length_b   73.390
_cell.length_c   126.690
_cell.angle_alpha   90.00
_cell.angle_beta   90.00
_cell.angle_gamma   90.00
#
_symmetry.space_group_name_H-M   'P 21 21 21'
#
loop_
_entity.id
_entity.type
_entity.pdbx_description
1 polymer 'CORTICOSTEROID-BINDING GLOBULIN'
2 water water
#
_entity_poly.entity_id   1
_entity_poly.type   'polypeptide(L)'
_entity_poly.pdbx_seq_one_letter_code
;SNHHRGLASANVDFAFSLYKHLVALSPKKNIFISPVSISMALAMLSLGTCGHTRAQLLQGLGFNLTERSETEIHQGFQHL
HQLFAKSDTCLEMTMGNALFLDGSLELLESFSADIKHYYESEVLAMNFQDWATASRQINSYVKNKTQGKIVDLFSGLDSP
AILVLVNYIFFKGTWTQPFDLASTREENFYVDETTVVKVPMMLQSSTISYLHDSELPCQLVQMNYCGNGTVFFILPDKGK
MNTVIAALSRDTINRWSAGLTSSQVDLYIPKVTISGVYDLGDVLEEMGIADLFTNQANFSRITQDAQLKSSKVVHKAVLQ
LNEEGVDTAGSTGVTLNLRSKPIILRFNQPFIIMIFDHFTWSSLFLARVMNPV
;
_entity_poly.pdbx_strand_id   A
#
# COMPACT_ATOMS: atom_id res chain seq x y z
N ARG A 5 -18.77 -2.45 -9.32
CA ARG A 5 -18.93 -2.76 -7.90
C ARG A 5 -18.06 -3.94 -7.50
N GLY A 6 -18.11 -4.29 -6.21
CA GLY A 6 -17.31 -5.38 -5.68
C GLY A 6 -16.08 -4.85 -4.95
N LEU A 7 -15.48 -5.72 -4.13
CA LEU A 7 -14.34 -5.34 -3.31
C LEU A 7 -13.17 -4.79 -4.13
N ALA A 8 -12.83 -5.48 -5.21
CA ALA A 8 -11.67 -5.13 -6.02
C ALA A 8 -11.75 -3.69 -6.52
N SER A 9 -12.89 -3.33 -7.08
CA SER A 9 -13.10 -1.98 -7.62
C SER A 9 -13.06 -0.93 -6.52
N ALA A 10 -13.67 -1.24 -5.38
CA ALA A 10 -13.70 -0.32 -4.25
C ALA A 10 -12.28 -0.04 -3.74
N ASN A 11 -11.48 -1.09 -3.61
CA ASN A 11 -10.11 -0.94 -3.12
C ASN A 11 -9.23 -0.15 -4.09
N VAL A 12 -9.47 -0.33 -5.39
CA VAL A 12 -8.77 0.44 -6.41
C VAL A 12 -9.17 1.91 -6.33
N ASP A 13 -10.46 2.17 -6.14
CA ASP A 13 -10.96 3.54 -5.98
C ASP A 13 -10.24 4.24 -4.83
N PHE A 14 -10.12 3.55 -3.72
CA PHE A 14 -9.47 4.11 -2.54
C PHE A 14 -7.98 4.34 -2.78
N ALA A 15 -7.34 3.36 -3.41
CA ALA A 15 -5.91 3.41 -3.68
C ALA A 15 -5.55 4.66 -4.50
N PHE A 16 -6.29 4.87 -5.58
CA PHE A 16 -6.02 5.99 -6.47
C PHE A 16 -6.39 7.33 -5.81
N SER A 17 -7.46 7.34 -5.01
CA SER A 17 -7.83 8.56 -4.30
C SER A 17 -6.74 8.97 -3.31
N LEU A 18 -6.27 8.00 -2.54
CA LEU A 18 -5.21 8.25 -1.56
C LEU A 18 -3.95 8.75 -2.25
N TYR A 19 -3.60 8.06 -3.34
CA TYR A 19 -2.43 8.40 -4.15
C TYR A 19 -2.49 9.84 -4.65
N LYS A 20 -3.63 10.20 -5.26
CA LYS A 20 -3.84 11.55 -5.78
C LYS A 20 -3.68 12.61 -4.69
N HIS A 21 -4.22 12.33 -3.50
CA HIS A 21 -4.16 13.27 -2.40
C HIS A 21 -2.73 13.44 -1.89
N LEU A 22 -2.00 12.33 -1.77
CA LEU A 22 -0.63 12.38 -1.27
C LEU A 22 0.30 13.09 -2.24
N VAL A 23 0.07 12.87 -3.54
CA VAL A 23 0.85 13.54 -4.57
C VAL A 23 0.63 15.05 -4.48
N ALA A 24 -0.61 15.44 -4.22
CA ALA A 24 -0.96 16.86 -4.16
C ALA A 24 -0.29 17.54 -2.96
N LEU A 25 -0.09 16.79 -1.88
CA LEU A 25 0.50 17.32 -0.66
C LEU A 25 2.02 17.47 -0.73
N SER A 26 2.66 16.62 -1.53
CA SER A 26 4.12 16.61 -1.65
C SER A 26 4.57 16.62 -3.11
N PRO A 27 4.45 17.79 -3.78
CA PRO A 27 4.60 17.88 -5.24
C PRO A 27 5.97 17.47 -5.79
N LYS A 28 7.02 17.46 -4.96
CA LYS A 28 8.38 17.22 -5.44
C LYS A 28 9.01 15.95 -4.88
N LYS A 29 8.31 15.26 -3.98
CA LYS A 29 8.85 14.06 -3.35
C LYS A 29 8.45 12.78 -4.05
N ASN A 30 9.31 11.76 -3.94
CA ASN A 30 8.89 10.40 -4.28
C ASN A 30 7.72 10.03 -3.39
N ILE A 31 6.72 9.38 -3.99
CA ILE A 31 5.62 8.79 -3.24
C ILE A 31 5.73 7.30 -3.36
N PHE A 32 5.62 6.60 -2.23
CA PHE A 32 5.49 5.14 -2.28
C PHE A 32 4.64 4.63 -1.12
N ILE A 33 3.55 3.96 -1.47
CA ILE A 33 2.59 3.46 -0.49
C ILE A 33 2.13 2.06 -0.86
N SER A 34 1.56 1.37 0.12
CA SER A 34 0.89 0.10 -0.09
C SER A 34 -0.59 0.28 0.19
N PRO A 35 -1.39 0.51 -0.85
CA PRO A 35 -2.83 0.74 -0.63
C PRO A 35 -3.51 -0.44 0.07
N VAL A 36 -3.18 -1.67 -0.32
CA VAL A 36 -3.86 -2.83 0.25
C VAL A 36 -3.58 -2.95 1.75
N SER A 37 -2.37 -2.57 2.16
CA SER A 37 -2.00 -2.56 3.58
C SER A 37 -2.87 -1.58 4.36
N ILE A 38 -3.02 -0.38 3.81
CA ILE A 38 -3.81 0.66 4.46
C ILE A 38 -5.28 0.28 4.50
N SER A 39 -5.80 -0.21 3.38
CA SER A 39 -7.20 -0.64 3.31
C SER A 39 -7.49 -1.77 4.29
N MET A 40 -6.59 -2.75 4.35
CA MET A 40 -6.81 -3.91 5.22
C MET A 40 -6.76 -3.51 6.69
N ALA A 41 -5.82 -2.64 7.04
CA ALA A 41 -5.69 -2.19 8.42
C ALA A 41 -6.94 -1.43 8.87
N LEU A 42 -7.43 -0.53 8.04
CA LEU A 42 -8.58 0.30 8.40
C LEU A 42 -9.88 -0.49 8.34
N ALA A 43 -9.95 -1.47 7.44
CA ALA A 43 -11.10 -2.36 7.37
C ALA A 43 -11.21 -3.17 8.66
N MET A 44 -10.08 -3.69 9.12
CA MET A 44 -10.03 -4.42 10.37
C MET A 44 -10.42 -3.50 11.53
N LEU A 45 -9.91 -2.27 11.50
CA LEU A 45 -10.25 -1.28 12.51
C LEU A 45 -11.75 -1.04 12.59
N SER A 46 -12.41 -1.04 11.43
CA SER A 46 -13.83 -0.73 11.37
C SER A 46 -14.67 -1.75 12.13
N LEU A 47 -14.14 -2.95 12.34
CA LEU A 47 -14.83 -3.98 13.12
C LEU A 47 -15.13 -3.52 14.53
N GLY A 48 -14.34 -2.57 15.02
CA GLY A 48 -14.50 -2.08 16.38
C GLY A 48 -15.36 -0.84 16.47
N THR A 49 -15.71 -0.28 15.32
CA THR A 49 -16.45 0.97 15.27
C THR A 49 -17.96 0.77 15.17
N CYS A 50 -18.72 1.81 15.51
N CYS A 50 -18.71 1.81 15.55
CA CYS A 50 -20.17 1.79 15.40
CA CYS A 50 -20.17 1.81 15.38
C CYS A 50 -20.68 3.18 15.03
C CYS A 50 -20.64 3.17 14.88
N GLY A 51 -21.94 3.24 14.61
CA GLY A 51 -22.59 4.50 14.26
C GLY A 51 -21.91 5.29 13.16
N HIS A 52 -21.85 6.60 13.37
CA HIS A 52 -21.29 7.52 12.39
C HIS A 52 -19.80 7.26 12.11
N THR A 53 -19.06 6.91 13.15
CA THR A 53 -17.64 6.58 13.00
C THR A 53 -17.47 5.46 11.99
N ARG A 54 -18.28 4.43 12.15
CA ARG A 54 -18.24 3.25 11.29
C ARG A 54 -18.70 3.58 9.87
N ALA A 55 -19.81 4.29 9.76
CA ALA A 55 -20.38 4.64 8.46
C ALA A 55 -19.40 5.47 7.65
N GLN A 56 -18.80 6.45 8.31
CA GLN A 56 -17.87 7.36 7.65
C GLN A 56 -16.61 6.63 7.19
N LEU A 57 -16.09 5.76 8.05
CA LEU A 57 -14.87 5.02 7.75
C LEU A 57 -15.03 4.09 6.54
N LEU A 58 -16.12 3.33 6.53
CA LEU A 58 -16.37 2.38 5.46
C LEU A 58 -16.66 3.10 4.14
N GLN A 59 -17.39 4.21 4.20
CA GLN A 59 -17.62 5.03 3.02
C GLN A 59 -16.29 5.58 2.48
N GLY A 60 -15.43 6.00 3.39
CA GLY A 60 -14.13 6.55 3.02
C GLY A 60 -13.24 5.53 2.34
N LEU A 61 -13.35 4.28 2.77
CA LEU A 61 -12.57 3.19 2.18
C LEU A 61 -13.10 2.78 0.81
N GLY A 62 -14.24 3.35 0.42
CA GLY A 62 -14.77 3.17 -0.93
C GLY A 62 -15.95 2.22 -1.03
N PHE A 63 -16.53 1.87 0.11
CA PHE A 63 -17.64 0.91 0.14
C PHE A 63 -18.99 1.59 0.27
N ASN A 64 -20.01 0.95 -0.30
CA ASN A 64 -21.39 1.41 -0.17
C ASN A 64 -22.15 0.41 0.71
N LEU A 65 -22.61 0.86 1.86
CA LEU A 65 -23.22 -0.04 2.83
C LEU A 65 -24.68 -0.32 2.50
N THR A 66 -25.30 0.59 1.75
CA THR A 66 -26.43 0.20 0.93
C THR A 66 -25.81 -0.52 -0.26
N GLU A 67 -26.41 -1.64 -0.66
CA GLU A 67 -25.94 -2.48 -1.77
C GLU A 67 -25.01 -3.61 -1.30
N ARG A 68 -24.24 -3.38 -0.25
CA ARG A 68 -23.37 -4.41 0.32
C ARG A 68 -23.33 -4.33 1.84
N SER A 69 -23.27 -5.49 2.50
CA SER A 69 -23.25 -5.55 3.95
C SER A 69 -21.82 -5.51 4.47
N GLU A 70 -21.66 -5.19 5.75
CA GLU A 70 -20.33 -5.12 6.34
C GLU A 70 -19.68 -6.51 6.34
N THR A 71 -20.49 -7.54 6.58
CA THR A 71 -20.02 -8.92 6.58
C THR A 71 -19.34 -9.25 5.25
N GLU A 72 -19.98 -8.87 4.15
CA GLU A 72 -19.44 -9.13 2.81
C GLU A 72 -18.10 -8.41 2.61
N ILE A 73 -17.96 -7.23 3.19
CA ILE A 73 -16.70 -6.49 3.10
C ILE A 73 -15.58 -7.26 3.79
N HIS A 74 -15.87 -7.77 4.99
CA HIS A 74 -14.85 -8.46 5.78
C HIS A 74 -14.53 -9.82 5.17
N GLN A 75 -15.54 -10.49 4.62
CA GLN A 75 -15.32 -11.73 3.87
C GLN A 75 -14.37 -11.48 2.71
N GLY A 76 -14.52 -10.32 2.07
CA GLY A 76 -13.66 -9.94 0.97
C GLY A 76 -12.20 -9.87 1.37
N PHE A 77 -11.93 -9.17 2.46
CA PHE A 77 -10.55 -9.02 2.93
C PHE A 77 -9.99 -10.32 3.47
N GLN A 78 -10.86 -11.17 4.00
CA GLN A 78 -10.46 -12.50 4.45
C GLN A 78 -9.89 -13.30 3.29
N HIS A 79 -10.65 -13.38 2.20
CA HIS A 79 -10.25 -14.15 1.03
C HIS A 79 -9.01 -13.55 0.39
N LEU A 80 -8.88 -12.24 0.48
CA LEU A 80 -7.71 -11.54 -0.03
C LEU A 80 -6.47 -11.96 0.76
N HIS A 81 -6.59 -11.88 2.08
CA HIS A 81 -5.49 -12.27 2.96
C HIS A 81 -5.12 -13.74 2.76
N GLN A 82 -6.14 -14.59 2.58
CA GLN A 82 -5.92 -16.02 2.40
C GLN A 82 -5.17 -16.31 1.10
N LEU A 83 -5.46 -15.55 0.06
CA LEU A 83 -4.82 -15.77 -1.24
C LEU A 83 -3.36 -15.29 -1.22
N PHE A 84 -3.09 -14.20 -0.50
CA PHE A 84 -1.73 -13.71 -0.34
C PHE A 84 -0.91 -14.74 0.44
N ALA A 85 -1.55 -15.43 1.37
CA ALA A 85 -0.89 -16.46 2.16
C ALA A 85 -0.53 -17.65 1.29
N LYS A 86 -1.39 -17.96 0.33
CA LYS A 86 -1.20 -19.10 -0.56
C LYS A 86 -0.58 -18.70 -1.88
N SER A 87 0.42 -17.84 -1.84
N SER A 87 0.43 -17.85 -1.83
CA SER A 87 1.12 -17.41 -3.04
CA SER A 87 1.12 -17.41 -3.04
C SER A 87 1.93 -18.56 -3.64
C SER A 87 1.92 -18.57 -3.64
N ASP A 88 2.15 -18.52 -4.95
CA ASP A 88 2.96 -19.52 -5.63
C ASP A 88 4.37 -19.51 -5.03
N THR A 89 5.00 -20.68 -4.99
CA THR A 89 6.27 -20.83 -4.30
C THR A 89 7.41 -20.06 -4.98
N CYS A 90 7.20 -19.62 -6.22
CA CYS A 90 8.18 -18.80 -6.92
C CYS A 90 8.11 -17.34 -6.46
N LEU A 91 7.16 -17.06 -5.58
CA LEU A 91 7.00 -15.75 -4.97
C LEU A 91 7.03 -15.89 -3.45
N GLU A 92 7.96 -15.19 -2.81
CA GLU A 92 8.02 -15.15 -1.36
C GLU A 92 7.23 -13.94 -0.88
N MET A 93 6.12 -14.20 -0.18
CA MET A 93 5.22 -13.13 0.21
C MET A 93 4.66 -13.35 1.61
N THR A 94 4.64 -12.26 2.38
CA THR A 94 4.09 -12.27 3.72
C THR A 94 3.08 -11.14 3.81
N MET A 95 1.94 -11.41 4.41
CA MET A 95 0.87 -10.43 4.54
C MET A 95 -0.01 -10.82 5.70
N GLY A 96 -0.02 -10.00 6.75
CA GLY A 96 -0.76 -10.35 7.95
C GLY A 96 -1.08 -9.18 8.84
N ASN A 97 -1.78 -9.50 9.93
CA ASN A 97 -2.30 -8.50 10.84
C ASN A 97 -2.00 -8.88 12.28
N ALA A 98 -1.87 -7.87 13.13
CA ALA A 98 -1.66 -8.09 14.55
C ALA A 98 -2.29 -6.98 15.37
N LEU A 99 -2.67 -7.33 16.60
N LEU A 99 -2.71 -7.33 16.58
CA LEU A 99 -3.28 -6.39 17.53
CA LEU A 99 -3.27 -6.36 17.52
C LEU A 99 -2.55 -6.43 18.86
C LEU A 99 -2.48 -6.44 18.81
N PHE A 100 -1.96 -5.31 19.25
CA PHE A 100 -1.23 -5.22 20.51
C PHE A 100 -2.15 -4.61 21.56
N LEU A 101 -2.31 -5.31 22.68
CA LEU A 101 -3.32 -4.96 23.67
C LEU A 101 -2.70 -4.74 25.04
N ASP A 102 -2.99 -3.58 25.64
CA ASP A 102 -2.59 -3.34 27.02
C ASP A 102 -3.45 -4.18 27.96
N GLY A 103 -2.88 -4.57 29.09
CA GLY A 103 -3.59 -5.42 30.03
C GLY A 103 -4.82 -4.78 30.63
N SER A 104 -4.90 -3.45 30.56
CA SER A 104 -6.00 -2.72 31.18
C SER A 104 -7.30 -2.83 30.38
N LEU A 105 -7.19 -3.27 29.13
CA LEU A 105 -8.35 -3.43 28.26
C LEU A 105 -8.77 -4.89 28.14
N GLU A 106 -10.07 -5.12 27.97
CA GLU A 106 -10.58 -6.43 27.61
C GLU A 106 -11.45 -6.30 26.38
N LEU A 107 -11.06 -6.99 25.30
CA LEU A 107 -11.82 -6.97 24.07
C LEU A 107 -13.14 -7.72 24.25
N LEU A 108 -14.22 -7.15 23.74
CA LEU A 108 -15.49 -7.87 23.64
C LEU A 108 -15.27 -9.10 22.77
N GLU A 109 -15.87 -10.22 23.16
CA GLU A 109 -15.61 -11.50 22.50
C GLU A 109 -15.94 -11.49 21.01
N SER A 110 -16.97 -10.72 20.65
N SER A 110 -16.97 -10.72 20.65
CA SER A 110 -17.38 -10.64 19.25
CA SER A 110 -17.39 -10.62 19.26
C SER A 110 -16.30 -9.97 18.40
C SER A 110 -16.31 -9.97 18.39
N PHE A 111 -15.67 -8.95 18.94
CA PHE A 111 -14.61 -8.24 18.23
C PHE A 111 -13.36 -9.11 18.08
N SER A 112 -12.97 -9.78 19.16
N SER A 112 -12.97 -9.79 19.16
CA SER A 112 -11.83 -10.68 19.13
CA SER A 112 -11.81 -10.66 19.11
C SER A 112 -12.07 -11.81 18.14
C SER A 112 -12.05 -11.84 18.17
N ALA A 113 -13.28 -12.34 18.16
CA ALA A 113 -13.67 -13.40 17.24
C ALA A 113 -13.59 -12.93 15.79
N ASP A 114 -14.09 -11.72 15.53
CA ASP A 114 -14.14 -11.19 14.18
C ASP A 114 -12.75 -10.93 13.60
N ILE A 115 -11.87 -10.31 14.37
CA ILE A 115 -10.54 -9.98 13.87
C ILE A 115 -9.73 -11.25 13.62
N LYS A 116 -10.02 -12.29 14.39
CA LYS A 116 -9.34 -13.57 14.21
C LYS A 116 -9.92 -14.30 13.00
N HIS A 117 -11.23 -14.26 12.86
CA HIS A 117 -11.89 -15.00 11.79
C HIS A 117 -11.62 -14.39 10.43
N TYR A 118 -11.75 -13.07 10.33
CA TYR A 118 -11.68 -12.39 9.04
C TYR A 118 -10.27 -11.95 8.67
N TYR A 119 -9.46 -11.58 9.65
CA TYR A 119 -8.14 -11.01 9.38
C TYR A 119 -7.00 -11.85 9.94
N GLU A 120 -7.34 -12.98 10.57
CA GLU A 120 -6.33 -13.88 11.13
C GLU A 120 -5.34 -13.12 12.00
N SER A 121 -5.83 -12.10 12.67
CA SER A 121 -4.99 -11.21 13.44
C SER A 121 -4.40 -11.90 14.67
N GLU A 122 -3.10 -11.73 14.88
CA GLU A 122 -2.48 -12.10 16.14
C GLU A 122 -2.97 -11.13 17.20
N VAL A 123 -3.10 -11.60 18.43
CA VAL A 123 -3.44 -10.74 19.56
C VAL A 123 -2.34 -10.88 20.61
N LEU A 124 -1.51 -9.84 20.69
CA LEU A 124 -0.33 -9.86 21.55
C LEU A 124 -0.48 -8.89 22.72
N ALA A 125 0.03 -9.29 23.87
CA ALA A 125 0.00 -8.45 25.05
C ALA A 125 1.19 -7.49 25.08
N MET A 126 0.91 -6.26 25.51
N MET A 126 0.93 -6.25 25.50
CA MET A 126 1.94 -5.24 25.70
CA MET A 126 1.99 -5.27 25.71
C MET A 126 1.69 -4.54 27.02
C MET A 126 1.69 -4.52 27.00
N ASN A 127 2.71 -3.84 27.53
CA ASN A 127 2.53 -2.97 28.69
C ASN A 127 2.69 -1.52 28.27
N PHE A 128 1.56 -0.86 28.01
CA PHE A 128 1.55 0.51 27.50
C PHE A 128 2.09 1.51 28.54
N GLN A 129 2.17 1.09 29.79
CA GLN A 129 2.70 1.95 30.84
C GLN A 129 4.18 2.23 30.58
N ASP A 130 4.80 1.33 29.82
CA ASP A 130 6.17 1.52 29.34
C ASP A 130 6.13 1.65 27.83
N TRP A 131 5.88 2.86 27.34
CA TRP A 131 5.71 3.06 25.90
C TRP A 131 7.01 2.82 25.14
N ALA A 132 8.13 3.13 25.78
CA ALA A 132 9.43 2.90 25.18
C ALA A 132 9.59 1.43 24.80
N THR A 133 9.33 0.54 25.75
CA THR A 133 9.45 -0.90 25.53
C THR A 133 8.39 -1.40 24.55
N ALA A 134 7.17 -0.89 24.67
CA ALA A 134 6.07 -1.32 23.82
C ALA A 134 6.28 -0.92 22.37
N SER A 135 6.74 0.31 22.15
N SER A 135 6.72 0.32 22.15
CA SER A 135 6.98 0.78 20.79
CA SER A 135 7.01 0.82 20.83
C SER A 135 8.15 0.04 20.15
C SER A 135 8.14 0.03 20.17
N ARG A 136 9.14 -0.32 20.97
CA ARG A 136 10.29 -1.08 20.48
C ARG A 136 9.84 -2.49 20.10
N GLN A 137 8.95 -3.03 20.91
CA GLN A 137 8.36 -4.36 20.70
C GLN A 137 7.60 -4.44 19.39
N ILE A 138 6.70 -3.48 19.17
CA ILE A 138 5.91 -3.44 17.95
C ILE A 138 6.81 -3.24 16.74
N ASN A 139 7.79 -2.35 16.86
CA ASN A 139 8.76 -2.12 15.78
C ASN A 139 9.51 -3.39 15.42
N SER A 140 9.95 -4.14 16.42
CA SER A 140 10.69 -5.38 16.21
C SER A 140 9.82 -6.41 15.50
N TYR A 141 8.55 -6.47 15.89
CA TYR A 141 7.60 -7.38 15.27
C TYR A 141 7.47 -7.10 13.77
N VAL A 142 7.30 -5.84 13.43
CA VAL A 142 7.12 -5.43 12.04
C VAL A 142 8.41 -5.61 11.26
N LYS A 143 9.54 -5.28 11.89
CA LYS A 143 10.84 -5.43 11.24
C LYS A 143 11.07 -6.90 10.86
N ASN A 144 10.71 -7.80 11.77
CA ASN A 144 10.89 -9.23 11.51
C ASN A 144 9.98 -9.73 10.39
N LYS A 145 8.73 -9.27 10.37
CA LYS A 145 7.77 -9.70 9.37
C LYS A 145 8.14 -9.19 7.98
N THR A 146 8.82 -8.05 7.92
CA THR A 146 9.23 -7.44 6.66
C THR A 146 10.70 -7.73 6.36
N GLN A 147 11.27 -8.68 7.08
CA GLN A 147 12.66 -9.10 6.91
C GLN A 147 13.61 -7.91 6.89
N GLY A 148 13.42 -7.00 7.86
CA GLY A 148 14.33 -5.91 8.09
C GLY A 148 14.09 -4.65 7.29
N LYS A 149 13.11 -4.69 6.39
N LYS A 149 13.10 -4.68 6.39
CA LYS A 149 12.86 -3.60 5.46
CA LYS A 149 12.89 -3.57 5.47
C LYS A 149 12.14 -2.42 6.12
C LYS A 149 12.09 -2.41 6.07
N ILE A 150 11.14 -2.71 6.95
CA ILE A 150 10.39 -1.68 7.66
C ILE A 150 10.88 -1.55 9.10
N VAL A 151 11.62 -0.48 9.37
CA VAL A 151 12.15 -0.22 10.71
C VAL A 151 11.60 1.07 11.28
N ASP A 152 11.55 1.13 12.61
CA ASP A 152 11.15 2.34 13.30
C ASP A 152 9.78 2.85 12.86
N LEU A 153 8.82 1.94 12.75
CA LEU A 153 7.46 2.34 12.37
C LEU A 153 6.91 3.34 13.37
N PHE A 154 7.16 3.08 14.65
CA PHE A 154 6.77 3.99 15.73
C PHE A 154 8.00 4.58 16.42
N SER A 155 7.81 5.72 17.08
CA SER A 155 8.88 6.34 17.85
C SER A 155 8.46 6.45 19.32
N GLY A 156 9.44 6.52 20.21
CA GLY A 156 9.17 6.67 21.62
C GLY A 156 8.59 8.01 21.98
N LEU A 157 8.54 8.92 21.00
CA LEU A 157 7.99 10.26 21.22
C LEU A 157 6.52 10.35 20.79
N ASP A 158 6.02 9.30 20.14
CA ASP A 158 4.62 9.26 19.76
C ASP A 158 3.75 9.22 21.02
N SER A 159 2.52 9.69 20.91
CA SER A 159 1.58 9.60 22.03
C SER A 159 1.37 8.12 22.37
N PRO A 160 1.56 7.73 23.64
CA PRO A 160 1.41 6.31 23.99
C PRO A 160 0.01 5.76 23.69
N ALA A 161 -0.05 4.52 23.25
CA ALA A 161 -1.31 3.86 22.94
C ALA A 161 -1.58 2.74 23.93
N ILE A 162 -2.85 2.41 24.14
CA ILE A 162 -3.22 1.25 24.94
C ILE A 162 -3.68 0.12 24.02
N LEU A 163 -3.82 0.44 22.72
CA LEU A 163 -4.16 -0.54 21.70
C LEU A 163 -3.51 -0.13 20.38
N VAL A 164 -2.79 -1.05 19.75
CA VAL A 164 -2.19 -0.82 18.45
C VAL A 164 -2.52 -1.93 17.46
N LEU A 165 -3.05 -1.51 16.31
CA LEU A 165 -3.36 -2.42 15.20
C LEU A 165 -2.31 -2.23 14.11
N VAL A 166 -1.80 -3.35 13.59
N VAL A 166 -1.76 -3.34 13.61
CA VAL A 166 -0.76 -3.34 12.57
CA VAL A 166 -0.78 -3.26 12.53
C VAL A 166 -1.10 -4.26 11.40
C VAL A 166 -1.08 -4.24 11.41
N ASN A 167 -0.84 -3.79 10.18
CA ASN A 167 -0.81 -4.65 9.01
C ASN A 167 0.58 -4.56 8.41
N TYR A 168 1.10 -5.69 7.96
CA TYR A 168 2.37 -5.72 7.27
C TYR A 168 2.24 -6.46 5.95
N ILE A 169 3.10 -6.11 5.01
CA ILE A 169 3.14 -6.79 3.73
C ILE A 169 4.59 -6.79 3.25
N PHE A 170 5.00 -7.90 2.66
CA PHE A 170 6.36 -8.04 2.16
C PHE A 170 6.34 -9.02 1.00
N PHE A 171 7.09 -8.75 -0.06
CA PHE A 171 7.38 -9.81 -1.01
C PHE A 171 8.65 -9.58 -1.82
N LYS A 172 9.22 -10.69 -2.27
CA LYS A 172 10.36 -10.70 -3.17
C LYS A 172 9.98 -11.51 -4.40
N GLY A 173 9.86 -10.84 -5.54
CA GLY A 173 9.48 -11.48 -6.79
C GLY A 173 10.53 -11.31 -7.86
N THR A 174 10.51 -12.19 -8.85
CA THR A 174 11.45 -12.14 -9.95
C THR A 174 10.72 -11.86 -11.26
N TRP A 175 11.30 -11.01 -12.10
CA TRP A 175 10.70 -10.68 -13.39
C TRP A 175 10.60 -11.93 -14.24
N THR A 176 9.49 -12.06 -14.97
CA THR A 176 9.38 -13.10 -15.97
C THR A 176 10.24 -12.69 -17.18
N GLN A 177 10.51 -11.39 -17.30
CA GLN A 177 11.40 -10.85 -18.33
C GLN A 177 12.46 -9.97 -17.69
N PRO A 178 13.48 -10.59 -17.08
CA PRO A 178 14.50 -9.78 -16.41
C PRO A 178 15.39 -8.98 -17.36
N PHE A 179 16.01 -7.93 -16.82
CA PHE A 179 16.98 -7.14 -17.57
C PHE A 179 18.37 -7.77 -17.49
N ASP A 180 19.16 -7.63 -18.54
CA ASP A 180 20.55 -8.07 -18.51
C ASP A 180 21.39 -7.16 -17.63
N LEU A 181 21.99 -7.73 -16.58
CA LEU A 181 22.92 -6.99 -15.72
C LEU A 181 23.99 -6.30 -16.55
N ALA A 182 24.50 -7.03 -17.55
CA ALA A 182 25.59 -6.54 -18.39
C ALA A 182 25.20 -5.32 -19.22
N SER A 183 23.90 -5.10 -19.38
CA SER A 183 23.42 -4.02 -20.25
C SER A 183 23.04 -2.76 -19.48
N THR A 184 23.16 -2.79 -18.16
CA THR A 184 22.86 -1.61 -17.35
C THR A 184 23.98 -0.59 -17.53
N ARG A 185 23.61 0.68 -17.64
CA ARG A 185 24.59 1.74 -17.80
C ARG A 185 24.06 3.05 -17.23
N GLU A 186 24.97 3.96 -16.92
CA GLU A 186 24.59 5.26 -16.38
C GLU A 186 23.99 6.14 -17.48
N GLU A 187 22.86 6.76 -17.17
CA GLU A 187 22.22 7.71 -18.09
C GLU A 187 21.72 8.93 -17.32
N ASN A 188 21.38 9.98 -18.04
CA ASN A 188 20.76 11.15 -17.46
C ASN A 188 19.31 10.89 -17.08
N PHE A 189 18.92 11.36 -15.89
CA PHE A 189 17.53 11.34 -15.47
C PHE A 189 17.12 12.78 -15.16
N TYR A 190 16.06 13.23 -15.82
CA TYR A 190 15.64 14.61 -15.72
C TYR A 190 14.53 14.78 -14.69
N VAL A 191 14.93 15.09 -13.47
CA VAL A 191 14.01 15.27 -12.35
C VAL A 191 13.05 16.43 -12.65
N ASP A 192 13.60 17.56 -13.04
CA ASP A 192 12.80 18.71 -13.44
C ASP A 192 13.59 19.57 -14.43
N GLU A 193 13.17 20.81 -14.61
CA GLU A 193 13.79 21.70 -15.59
C GLU A 193 15.24 22.04 -15.24
N THR A 194 15.53 22.13 -13.94
CA THR A 194 16.82 22.61 -13.46
C THR A 194 17.67 21.51 -12.81
N THR A 195 17.19 20.26 -12.85
CA THR A 195 17.83 19.17 -12.12
C THR A 195 17.96 17.90 -12.96
N VAL A 196 19.21 17.54 -13.24
CA VAL A 196 19.54 16.30 -13.95
C VAL A 196 20.47 15.46 -13.07
N VAL A 197 20.13 14.18 -12.91
CA VAL A 197 20.94 13.29 -12.09
C VAL A 197 21.37 12.05 -12.86
N LYS A 198 22.48 11.49 -12.41
CA LYS A 198 23.06 10.29 -12.98
C LYS A 198 22.43 9.05 -12.34
N VAL A 199 21.89 8.15 -13.15
CA VAL A 199 21.21 6.97 -12.63
C VAL A 199 21.59 5.71 -13.40
N PRO A 200 21.68 4.57 -12.70
CA PRO A 200 21.85 3.30 -13.41
C PRO A 200 20.60 2.92 -14.19
N MET A 201 20.70 2.91 -15.52
CA MET A 201 19.57 2.62 -16.38
C MET A 201 19.64 1.20 -16.91
N MET A 202 18.63 0.39 -16.58
CA MET A 202 18.53 -0.97 -17.09
C MET A 202 18.02 -0.93 -18.52
N LEU A 203 18.40 -1.92 -19.32
CA LEU A 203 17.93 -2.04 -20.69
C LEU A 203 17.63 -3.47 -21.07
N GLN A 204 16.52 -3.68 -21.76
CA GLN A 204 16.29 -4.92 -22.47
C GLN A 204 15.55 -4.64 -23.78
N SER A 205 15.89 -5.41 -24.81
CA SER A 205 15.21 -5.33 -26.10
C SER A 205 14.40 -6.61 -26.27
N SER A 206 13.10 -6.50 -26.01
CA SER A 206 12.25 -7.68 -25.94
C SER A 206 10.87 -7.46 -26.52
N THR A 207 10.10 -8.54 -26.61
CA THR A 207 8.68 -8.46 -26.90
C THR A 207 7.96 -8.07 -25.63
N ILE A 208 7.54 -6.81 -25.57
CA ILE A 208 7.01 -6.22 -24.35
C ILE A 208 5.56 -5.80 -24.55
N SER A 209 4.74 -6.04 -23.52
N SER A 209 4.75 -6.03 -23.52
CA SER A 209 3.37 -5.55 -23.50
CA SER A 209 3.37 -5.56 -23.51
C SER A 209 3.40 -4.03 -23.40
C SER A 209 3.37 -4.04 -23.40
N TYR A 210 2.94 -3.37 -24.47
CA TYR A 210 3.09 -1.92 -24.59
C TYR A 210 1.79 -1.24 -24.99
N LEU A 211 1.63 0.02 -24.58
CA LEU A 211 0.50 0.82 -25.00
C LEU A 211 0.84 2.30 -25.03
N HIS A 212 0.60 2.94 -26.16
CA HIS A 212 0.58 4.38 -26.24
C HIS A 212 -0.86 4.83 -26.07
N ASP A 213 -1.20 5.28 -24.87
CA ASP A 213 -2.57 5.64 -24.54
C ASP A 213 -3.09 6.76 -25.43
N SER A 214 -4.26 6.54 -26.02
CA SER A 214 -4.87 7.50 -26.93
C SER A 214 -5.81 8.47 -26.22
N GLU A 215 -6.18 8.14 -24.98
CA GLU A 215 -7.12 8.96 -24.22
C GLU A 215 -6.41 9.76 -23.13
N LEU A 216 -5.28 9.27 -22.67
CA LEU A 216 -4.42 10.01 -21.74
C LEU A 216 -3.04 10.20 -22.36
N PRO A 217 -2.38 11.34 -22.09
CA PRO A 217 -1.06 11.58 -22.67
C PRO A 217 0.04 10.80 -21.94
N CYS A 218 0.11 9.51 -22.22
CA CYS A 218 1.12 8.67 -21.59
C CYS A 218 1.39 7.41 -22.39
N GLN A 219 2.56 6.82 -22.14
CA GLN A 219 2.90 5.49 -22.61
C GLN A 219 3.07 4.60 -21.40
N LEU A 220 2.84 3.31 -21.57
CA LEU A 220 3.07 2.39 -20.48
C LEU A 220 3.48 1.02 -20.99
N VAL A 221 4.12 0.27 -20.11
CA VAL A 221 4.38 -1.14 -20.35
C VAL A 221 3.95 -1.96 -19.14
N GLN A 222 3.65 -3.22 -19.37
CA GLN A 222 3.34 -4.15 -18.29
C GLN A 222 4.44 -5.18 -18.19
N MET A 223 5.02 -5.28 -17.00
CA MET A 223 6.06 -6.27 -16.72
C MET A 223 5.59 -7.18 -15.59
N ASN A 224 5.60 -8.48 -15.85
CA ASN A 224 5.10 -9.46 -14.90
C ASN A 224 6.22 -10.02 -14.02
N TYR A 225 5.86 -10.42 -12.80
CA TYR A 225 6.76 -11.22 -11.98
C TYR A 225 6.04 -12.50 -11.59
N CYS A 226 6.82 -13.57 -11.38
N CYS A 226 6.82 -13.56 -11.36
CA CYS A 226 6.26 -14.88 -11.12
CA CYS A 226 6.27 -14.88 -11.13
C CYS A 226 5.39 -14.86 -9.88
C CYS A 226 5.43 -14.92 -9.85
N GLY A 227 4.33 -15.67 -9.90
CA GLY A 227 3.37 -15.72 -8.81
C GLY A 227 2.24 -14.75 -9.06
N ASN A 228 1.94 -14.51 -10.34
CA ASN A 228 0.79 -13.73 -10.78
C ASN A 228 0.89 -12.24 -10.46
N GLY A 229 2.13 -11.74 -10.45
CA GLY A 229 2.37 -10.32 -10.24
C GLY A 229 2.42 -9.55 -11.54
N THR A 230 1.86 -8.34 -11.53
CA THR A 230 1.94 -7.45 -12.69
C THR A 230 2.36 -6.07 -12.24
N VAL A 231 3.26 -5.45 -13.00
CA VAL A 231 3.72 -4.11 -12.72
C VAL A 231 3.50 -3.23 -13.95
N PHE A 232 2.74 -2.16 -13.76
CA PHE A 232 2.58 -1.13 -14.78
C PHE A 232 3.66 -0.06 -14.57
N PHE A 233 4.43 0.20 -15.63
CA PHE A 233 5.31 1.36 -15.68
C PHE A 233 4.69 2.38 -16.62
N ILE A 234 4.32 3.55 -16.09
CA ILE A 234 3.63 4.56 -16.88
C ILE A 234 4.47 5.82 -17.01
N LEU A 235 4.73 6.22 -18.25
CA LEU A 235 5.51 7.42 -18.55
C LEU A 235 4.62 8.51 -19.11
N PRO A 236 4.24 9.49 -18.27
CA PRO A 236 3.47 10.63 -18.79
C PRO A 236 4.25 11.42 -19.83
N ASP A 237 3.56 11.99 -20.81
CA ASP A 237 4.21 12.89 -21.76
C ASP A 237 4.73 14.09 -20.99
N LYS A 238 5.69 14.80 -21.57
CA LYS A 238 6.34 15.91 -20.87
C LYS A 238 5.33 16.96 -20.39
N GLY A 239 5.36 17.24 -19.08
CA GLY A 239 4.50 18.23 -18.49
C GLY A 239 3.11 17.72 -18.14
N LYS A 240 2.88 16.43 -18.31
CA LYS A 240 1.54 15.86 -18.18
C LYS A 240 1.39 14.89 -17.01
N MET A 241 2.41 14.84 -16.15
CA MET A 241 2.38 13.97 -14.97
C MET A 241 1.10 14.15 -14.16
N ASN A 242 0.78 15.40 -13.84
CA ASN A 242 -0.36 15.67 -12.98
C ASN A 242 -1.69 15.35 -13.67
N THR A 243 -1.74 15.56 -14.98
CA THR A 243 -2.94 15.24 -15.75
C THR A 243 -3.24 13.74 -15.69
N VAL A 244 -2.22 12.93 -15.88
CA VAL A 244 -2.36 11.48 -15.89
C VAL A 244 -2.78 10.98 -14.51
N ILE A 245 -2.10 11.45 -13.48
CA ILE A 245 -2.37 11.02 -12.11
C ILE A 245 -3.80 11.37 -11.70
N ALA A 246 -4.23 12.60 -12.00
CA ALA A 246 -5.56 13.06 -11.60
C ALA A 246 -6.67 12.22 -12.25
N ALA A 247 -6.34 11.60 -13.37
CA ALA A 247 -7.33 10.87 -14.16
C ALA A 247 -7.43 9.39 -13.78
N LEU A 248 -6.45 8.91 -13.00
CA LEU A 248 -6.39 7.50 -12.66
C LEU A 248 -7.68 7.00 -12.02
N SER A 249 -8.16 5.87 -12.52
CA SER A 249 -9.43 5.30 -12.10
C SER A 249 -9.45 3.82 -12.40
N ARG A 250 -10.44 3.13 -11.85
CA ARG A 250 -10.62 1.71 -12.13
C ARG A 250 -10.84 1.50 -13.63
N ASP A 251 -11.58 2.42 -14.26
CA ASP A 251 -11.83 2.32 -15.70
C ASP A 251 -10.55 2.48 -16.51
N THR A 252 -9.63 3.29 -16.00
CA THR A 252 -8.34 3.50 -16.66
C THR A 252 -7.57 2.19 -16.73
N ILE A 253 -7.56 1.45 -15.63
CA ILE A 253 -6.86 0.17 -15.55
C ILE A 253 -7.47 -0.84 -16.52
N ASN A 254 -8.80 -0.90 -16.58
CA ASN A 254 -9.48 -1.80 -17.51
C ASN A 254 -9.12 -1.49 -18.95
N ARG A 255 -9.05 -0.20 -19.26
CA ARG A 255 -8.74 0.26 -20.60
C ARG A 255 -7.31 -0.12 -20.98
N TRP A 256 -6.38 0.09 -20.05
CA TRP A 256 -4.98 -0.26 -20.26
C TRP A 256 -4.79 -1.75 -20.49
N SER A 257 -5.41 -2.57 -19.63
CA SER A 257 -5.32 -4.02 -19.75
C SER A 257 -5.80 -4.51 -21.11
N ALA A 258 -6.87 -3.90 -21.61
CA ALA A 258 -7.47 -4.31 -22.88
C ALA A 258 -6.68 -3.79 -24.08
N GLY A 259 -5.97 -2.68 -23.88
CA GLY A 259 -5.27 -2.01 -24.97
C GLY A 259 -3.82 -2.41 -25.11
N LEU A 260 -3.26 -2.99 -24.06
CA LEU A 260 -1.87 -3.45 -24.08
C LEU A 260 -1.67 -4.55 -25.11
N THR A 261 -0.62 -4.43 -25.90
CA THR A 261 -0.32 -5.39 -26.96
C THR A 261 1.18 -5.65 -27.08
N SER A 262 1.54 -6.87 -27.45
CA SER A 262 2.94 -7.25 -27.59
C SER A 262 3.60 -6.47 -28.72
N SER A 263 4.75 -5.87 -28.41
CA SER A 263 5.50 -5.08 -29.37
C SER A 263 7.00 -5.24 -29.11
N GLN A 264 7.81 -4.99 -30.14
CA GLN A 264 9.25 -4.92 -29.96
C GLN A 264 9.61 -3.58 -29.37
N VAL A 265 10.22 -3.61 -28.20
CA VAL A 265 10.53 -2.39 -27.46
C VAL A 265 11.95 -2.42 -26.91
N ASP A 266 12.70 -1.35 -27.15
CA ASP A 266 13.94 -1.11 -26.41
C ASP A 266 13.56 -0.38 -25.14
N LEU A 267 13.48 -1.14 -24.05
CA LEU A 267 12.94 -0.63 -22.79
C LEU A 267 14.04 -0.23 -21.82
N TYR A 268 14.10 1.07 -21.54
CA TYR A 268 15.03 1.61 -20.56
C TYR A 268 14.29 2.03 -19.29
N ILE A 269 14.54 1.31 -18.20
CA ILE A 269 13.97 1.64 -16.91
C ILE A 269 15.11 1.71 -15.90
N PRO A 270 15.13 2.78 -15.08
CA PRO A 270 16.21 2.85 -14.11
C PRO A 270 16.02 1.95 -12.91
N LYS A 271 17.11 1.57 -12.27
N LYS A 271 17.11 1.58 -12.25
N LYS A 271 17.10 1.56 -12.25
CA LYS A 271 17.08 0.98 -10.94
CA LYS A 271 17.03 0.95 -10.94
CA LYS A 271 16.99 0.89 -10.96
C LYS A 271 16.30 1.91 -10.01
C LYS A 271 16.31 1.89 -10.00
C LYS A 271 16.34 1.86 -10.00
N VAL A 272 15.40 1.36 -9.20
CA VAL A 272 14.63 2.18 -8.27
C VAL A 272 14.79 1.72 -6.84
N THR A 273 15.28 2.62 -6.00
CA THR A 273 15.33 2.43 -4.56
C THR A 273 14.67 3.63 -3.90
N ILE A 274 13.41 3.47 -3.49
CA ILE A 274 12.66 4.57 -2.89
C ILE A 274 11.88 4.10 -1.67
N SER A 275 11.39 5.06 -0.91
CA SER A 275 10.60 4.78 0.28
C SER A 275 9.63 5.91 0.55
N GLY A 276 8.64 5.61 1.38
CA GLY A 276 7.66 6.60 1.80
C GLY A 276 7.35 6.39 3.26
N VAL A 277 7.25 7.50 3.99
CA VAL A 277 6.85 7.46 5.39
C VAL A 277 5.78 8.52 5.58
N TYR A 278 4.66 8.12 6.19
CA TYR A 278 3.50 9.00 6.28
C TYR A 278 2.81 8.96 7.63
N ASP A 279 2.36 10.14 8.04
CA ASP A 279 1.38 10.30 9.11
C ASP A 279 0.06 10.63 8.40
N LEU A 280 -0.82 9.64 8.30
CA LEU A 280 -1.94 9.70 7.36
C LEU A 280 -3.17 10.44 7.89
N GLY A 281 -3.10 10.92 9.12
CA GLY A 281 -4.22 11.61 9.74
C GLY A 281 -4.78 12.74 8.88
N ASP A 282 -3.91 13.66 8.48
CA ASP A 282 -4.35 14.83 7.73
C ASP A 282 -4.97 14.48 6.38
N VAL A 283 -4.35 13.56 5.65
CA VAL A 283 -4.83 13.23 4.31
C VAL A 283 -6.11 12.40 4.39
N LEU A 284 -6.22 11.54 5.40
CA LEU A 284 -7.43 10.76 5.59
C LEU A 284 -8.63 11.67 5.88
N GLU A 285 -8.37 12.76 6.61
CA GLU A 285 -9.43 13.70 6.93
C GLU A 285 -9.85 14.49 5.68
N GLU A 286 -8.88 14.81 4.81
CA GLU A 286 -9.19 15.40 3.51
C GLU A 286 -10.11 14.49 2.71
N MET A 287 -9.99 13.19 2.94
CA MET A 287 -10.77 12.20 2.20
C MET A 287 -12.09 11.87 2.91
N GLY A 288 -12.37 12.57 4.00
CA GLY A 288 -13.64 12.41 4.71
C GLY A 288 -13.59 11.42 5.87
N ILE A 289 -12.42 10.85 6.13
CA ILE A 289 -12.23 9.91 7.25
C ILE A 289 -11.62 10.66 8.43
N ALA A 290 -12.47 11.05 9.38
CA ALA A 290 -12.06 12.00 10.41
C ALA A 290 -12.63 11.72 11.81
N ASP A 291 -13.87 11.26 11.86
CA ASP A 291 -14.57 11.14 13.14
C ASP A 291 -13.85 10.20 14.11
N LEU A 292 -13.14 9.22 13.57
CA LEU A 292 -12.45 8.24 14.40
C LEU A 292 -11.33 8.86 15.24
N PHE A 293 -10.91 10.07 14.89
CA PHE A 293 -9.82 10.76 15.60
C PHE A 293 -10.34 11.71 16.68
N THR A 294 -11.66 11.88 16.75
CA THR A 294 -12.24 12.93 17.60
C THR A 294 -12.75 12.39 18.93
N ASN A 295 -13.13 13.31 19.82
CA ASN A 295 -13.66 12.93 21.13
C ASN A 295 -15.07 12.37 21.06
N GLN A 296 -15.61 12.28 19.84
CA GLN A 296 -16.93 11.71 19.60
C GLN A 296 -16.84 10.36 18.90
N ALA A 297 -15.62 9.86 18.71
CA ALA A 297 -15.40 8.57 18.06
C ALA A 297 -16.15 7.46 18.79
N ASN A 298 -16.73 6.54 18.03
CA ASN A 298 -17.48 5.41 18.59
C ASN A 298 -16.78 4.09 18.28
N PHE A 299 -16.08 3.57 19.29
CA PHE A 299 -15.39 2.28 19.18
C PHE A 299 -16.00 1.28 20.16
N SER A 300 -17.33 1.30 20.27
CA SER A 300 -18.02 0.57 21.32
C SER A 300 -18.06 -0.95 21.06
N ARG A 301 -17.68 -1.37 19.86
CA ARG A 301 -17.63 -2.81 19.56
C ARG A 301 -16.32 -3.43 20.03
N ILE A 302 -15.31 -2.60 20.28
CA ILE A 302 -14.08 -3.08 20.90
C ILE A 302 -14.34 -3.34 22.39
N THR A 303 -14.91 -2.34 23.06
CA THR A 303 -15.24 -2.45 24.47
C THR A 303 -16.27 -1.38 24.85
N GLN A 304 -17.09 -1.70 25.85
CA GLN A 304 -18.04 -0.74 26.40
C GLN A 304 -17.62 -0.29 27.80
N ASP A 305 -16.49 -0.81 28.28
CA ASP A 305 -15.95 -0.43 29.57
C ASP A 305 -15.12 0.85 29.48
N ALA A 306 -14.77 1.22 28.25
CA ALA A 306 -13.99 2.42 28.00
C ALA A 306 -14.29 2.93 26.61
N GLN A 307 -14.18 4.24 26.43
CA GLN A 307 -14.42 4.85 25.13
C GLN A 307 -13.11 5.23 24.48
N LEU A 308 -12.81 4.59 23.35
CA LEU A 308 -11.55 4.78 22.66
C LEU A 308 -11.68 5.73 21.47
N LYS A 309 -10.55 6.30 21.08
CA LYS A 309 -10.43 7.02 19.82
C LYS A 309 -9.10 6.65 19.19
N SER A 310 -8.99 6.81 17.88
CA SER A 310 -7.71 6.63 17.22
C SER A 310 -6.90 7.91 17.37
N SER A 311 -5.61 7.76 17.66
CA SER A 311 -4.73 8.91 17.81
C SER A 311 -3.94 9.15 16.54
N LYS A 312 -3.46 8.06 15.94
CA LYS A 312 -2.55 8.17 14.81
C LYS A 312 -2.66 6.98 13.85
N VAL A 313 -2.53 7.27 12.56
CA VAL A 313 -2.38 6.24 11.54
C VAL A 313 -1.07 6.49 10.80
N VAL A 314 -0.13 5.55 10.92
CA VAL A 314 1.18 5.69 10.29
C VAL A 314 1.35 4.66 9.20
N HIS A 315 2.14 5.02 8.19
CA HIS A 315 2.41 4.11 7.09
C HIS A 315 3.83 4.29 6.60
N LYS A 316 4.50 3.17 6.36
CA LYS A 316 5.84 3.15 5.80
C LYS A 316 5.89 2.11 4.70
N ALA A 317 6.59 2.43 3.62
CA ALA A 317 6.75 1.50 2.50
C ALA A 317 8.09 1.71 1.83
N VAL A 318 8.68 0.61 1.37
N VAL A 318 8.68 0.61 1.37
CA VAL A 318 9.99 0.64 0.72
CA VAL A 318 10.00 0.63 0.73
C VAL A 318 9.99 -0.21 -0.54
C VAL A 318 9.99 -0.22 -0.53
N LEU A 319 10.71 0.25 -1.56
CA LEU A 319 10.80 -0.46 -2.84
C LEU A 319 12.25 -0.61 -3.26
N GLN A 320 12.62 -1.84 -3.61
CA GLN A 320 13.88 -2.11 -4.29
C GLN A 320 13.57 -2.79 -5.62
N LEU A 321 13.92 -2.13 -6.71
CA LEU A 321 13.62 -2.59 -8.05
C LEU A 321 14.89 -2.63 -8.89
N ASN A 322 15.22 -3.80 -9.43
CA ASN A 322 16.46 -3.96 -10.17
C ASN A 322 16.30 -4.93 -11.35
N GLU A 323 17.43 -5.39 -11.90
CA GLU A 323 17.41 -6.21 -13.11
C GLU A 323 16.71 -7.55 -12.91
N GLU A 324 16.79 -8.09 -11.70
CA GLU A 324 16.27 -9.43 -11.43
C GLU A 324 14.80 -9.45 -11.01
N GLY A 325 14.35 -8.40 -10.32
CA GLY A 325 12.98 -8.37 -9.85
C GLY A 325 12.63 -7.23 -8.91
N VAL A 326 11.71 -7.52 -8.01
CA VAL A 326 11.14 -6.51 -7.11
C VAL A 326 11.12 -7.02 -5.68
N ASP A 327 11.72 -6.25 -4.79
CA ASP A 327 11.66 -6.51 -3.35
C ASP A 327 11.00 -5.31 -2.71
N THR A 328 9.93 -5.56 -1.96
CA THR A 328 9.11 -4.48 -1.43
C THR A 328 8.48 -4.88 -0.11
N ALA A 329 8.20 -3.88 0.72
CA ALA A 329 7.53 -4.10 1.99
C ALA A 329 6.76 -2.86 2.38
N GLY A 330 5.75 -3.06 3.23
CA GLY A 330 4.99 -1.95 3.75
C GLY A 330 4.35 -2.33 5.07
N SER A 331 3.97 -1.32 5.84
CA SER A 331 3.25 -1.57 7.08
C SER A 331 2.43 -0.35 7.46
N THR A 332 1.26 -0.63 8.02
CA THR A 332 0.33 0.39 8.48
C THR A 332 0.06 0.15 9.95
N GLY A 333 0.18 1.20 10.76
CA GLY A 333 -0.07 1.11 12.19
C GLY A 333 -1.15 2.09 12.61
N VAL A 334 -2.05 1.62 13.47
CA VAL A 334 -3.10 2.47 14.02
C VAL A 334 -3.04 2.41 15.54
N THR A 335 -2.90 3.58 16.17
CA THR A 335 -2.88 3.67 17.62
C THR A 335 -4.24 4.13 18.13
N LEU A 336 -4.66 3.58 19.26
CA LEU A 336 -5.90 4.00 19.91
C LEU A 336 -5.62 4.42 21.35
N ASN A 337 -6.37 5.42 21.81
CA ASN A 337 -6.25 5.94 23.16
C ASN A 337 -7.62 6.18 23.78
N LEU A 338 -7.66 6.36 25.10
CA LEU A 338 -8.90 6.73 25.77
C LEU A 338 -9.35 8.10 25.27
N ARG A 339 -10.65 8.26 25.12
CA ARG A 339 -11.22 9.47 24.55
C ARG A 339 -10.97 10.67 25.45
N PRO A 342 12.24 -1.12 -33.66
CA PRO A 342 11.64 -1.22 -32.33
C PRO A 342 11.28 0.12 -31.72
N ILE A 343 10.23 0.14 -30.90
CA ILE A 343 9.87 1.31 -30.12
C ILE A 343 10.92 1.54 -29.04
N ILE A 344 11.42 2.76 -28.93
CA ILE A 344 12.28 3.13 -27.82
C ILE A 344 11.45 3.81 -26.74
N LEU A 345 11.44 3.20 -25.55
CA LEU A 345 10.74 3.75 -24.39
C LEU A 345 11.73 3.91 -23.25
N ARG A 346 12.08 5.16 -22.95
CA ARG A 346 13.07 5.48 -21.94
C ARG A 346 12.43 6.22 -20.76
N PHE A 347 12.50 5.61 -19.59
CA PHE A 347 12.00 6.22 -18.37
C PHE A 347 13.08 7.08 -17.72
N ASN A 348 13.35 8.23 -18.33
CA ASN A 348 14.38 9.15 -17.84
C ASN A 348 13.76 10.45 -17.34
N GLN A 349 12.47 10.39 -17.05
CA GLN A 349 11.72 11.51 -16.49
C GLN A 349 10.80 10.92 -15.42
N PRO A 350 10.21 11.77 -14.56
CA PRO A 350 9.34 11.23 -13.51
C PRO A 350 8.24 10.31 -14.06
N PHE A 351 8.02 9.18 -13.39
CA PHE A 351 7.07 8.19 -13.88
C PHE A 351 6.31 7.52 -12.74
N ILE A 352 5.35 6.68 -13.13
CA ILE A 352 4.44 6.02 -12.21
C ILE A 352 4.68 4.52 -12.24
N ILE A 353 4.64 3.89 -11.07
CA ILE A 353 4.68 2.43 -10.96
C ILE A 353 3.45 1.95 -10.21
N MET A 354 2.78 0.95 -10.77
CA MET A 354 1.64 0.29 -10.12
C MET A 354 1.92 -1.20 -10.00
N ILE A 355 1.93 -1.70 -8.77
CA ILE A 355 2.13 -3.12 -8.53
C ILE A 355 0.81 -3.77 -8.16
N PHE A 356 0.35 -4.69 -9.00
CA PHE A 356 -0.91 -5.40 -8.79
C PHE A 356 -0.69 -6.89 -8.61
N ASP A 357 -1.58 -7.53 -7.85
CA ASP A 357 -1.79 -8.97 -7.95
C ASP A 357 -2.81 -9.18 -9.06
N HIS A 358 -2.45 -9.95 -10.08
CA HIS A 358 -3.30 -10.08 -11.26
C HIS A 358 -4.59 -10.84 -10.99
N PHE A 359 -4.54 -11.82 -10.10
CA PHE A 359 -5.71 -12.63 -9.78
C PHE A 359 -6.80 -11.80 -9.12
N THR A 360 -6.41 -11.00 -8.12
CA THR A 360 -7.37 -10.22 -7.33
C THR A 360 -7.49 -8.77 -7.81
N TRP A 361 -6.54 -8.34 -8.62
CA TRP A 361 -6.41 -6.94 -9.02
C TRP A 361 -6.30 -6.02 -7.80
N SER A 362 -5.70 -6.55 -6.73
N SER A 362 -5.71 -6.55 -6.74
CA SER A 362 -5.41 -5.76 -5.55
CA SER A 362 -5.41 -5.74 -5.56
C SER A 362 -4.23 -4.82 -5.83
C SER A 362 -4.24 -4.82 -5.85
N SER A 363 -4.40 -3.55 -5.50
CA SER A 363 -3.32 -2.58 -5.62
C SER A 363 -2.37 -2.79 -4.45
N LEU A 364 -1.26 -3.46 -4.71
CA LEU A 364 -0.31 -3.80 -3.66
C LEU A 364 0.56 -2.59 -3.32
N PHE A 365 1.08 -1.93 -4.35
CA PHE A 365 1.91 -0.74 -4.16
C PHE A 365 1.68 0.27 -5.28
N LEU A 366 1.84 1.54 -4.95
CA LEU A 366 1.81 2.62 -5.92
C LEU A 366 3.00 3.55 -5.69
N ALA A 367 3.68 3.90 -6.78
CA ALA A 367 4.81 4.83 -6.69
C ALA A 367 4.62 6.03 -7.62
N ARG A 368 5.11 7.18 -7.16
CA ARG A 368 5.44 8.28 -8.06
C ARG A 368 6.93 8.53 -7.90
N VAL A 369 7.68 8.25 -8.96
CA VAL A 369 9.13 8.32 -8.92
C VAL A 369 9.60 9.64 -9.51
N MET A 370 10.01 10.57 -8.64
CA MET A 370 10.59 11.83 -9.07
C MET A 370 12.09 11.69 -9.28
N ASN A 371 12.69 10.82 -8.47
CA ASN A 371 14.12 10.53 -8.54
C ASN A 371 14.36 9.09 -8.10
N PRO A 372 14.79 8.21 -9.02
CA PRO A 372 14.86 6.80 -8.68
C PRO A 372 16.02 6.42 -7.75
N VAL A 373 16.98 7.32 -7.60
CA VAL A 373 18.11 7.09 -6.70
C VAL A 373 17.72 7.41 -5.26
#